data_4YNB
#
_entry.id   4YNB
#
_cell.length_a   157.512
_cell.length_b   157.512
_cell.length_c   157.512
_cell.angle_alpha   90.000
_cell.angle_beta   90.000
_cell.angle_gamma   90.000
#
_symmetry.space_group_name_H-M   'I 4 3 2'
#
loop_
_entity.id
_entity.type
_entity.pdbx_description
1 polymer 'Aminodeoxyfutalosine nucleosidase'
2 non-polymer (3R,4S)-1-[(4-amino-5H-pyrrolo[3,2-d]pyrimidin-7-yl)methyl]-4-[(pyrazin-2-ylsulfanyl)methyl]pyrrolidin-3-ol
3 non-polymer GLYCEROL
4 non-polymer DI(HYDROXYETHYL)ETHER
5 water water
#
_entity_poly.entity_id   1
_entity_poly.type   'polypeptide(L)'
_entity_poly.pdbx_seq_one_letter_code
;MGHHHHHHENLYFQGVQKIGILGAMREEITPILELFGVDFEEIPLGGNVFHKGVYHNKEIIVAYSKIGKVHSTLTTTSMI
LAFGVQKVLFSGVAGSLVKDLKINDLLVATQLVQHDVDLSAFDHPLGFIPESAIFIETSGSLNALAKKIANEQHIALKEG
VIASGDQFVHSKERKEFLVSEFKASAVEMEGASVAFVCQKFGVPCCVLRSISDNADEKAGMSFDEFLEKSAHTSAKFLKS
MVDEL
;
_entity_poly.pdbx_strand_id   A
#
loop_
_chem_comp.id
_chem_comp.type
_chem_comp.name
_chem_comp.formula
4EH non-polymer (3R,4S)-1-[(4-amino-5H-pyrrolo[3,2-d]pyrimidin-7-yl)methyl]-4-[(pyrazin-2-ylsulfanyl)methyl]pyrrolidin-3-ol 'C16 H19 N7 O S'
GOL non-polymer GLYCEROL 'C3 H8 O3'
PEG non-polymer DI(HYDROXYETHYL)ETHER 'C4 H10 O3'
#
# COMPACT_ATOMS: atom_id res chain seq x y z
N VAL A 16 15.90 1.61 18.25
CA VAL A 16 15.96 0.13 18.36
C VAL A 16 15.06 -0.46 17.26
N GLN A 17 13.77 -0.21 17.36
CA GLN A 17 12.82 -0.69 16.38
C GLN A 17 12.92 0.11 15.07
N LYS A 18 12.93 -0.58 13.93
CA LYS A 18 13.09 0.09 12.64
C LYS A 18 11.87 -0.20 11.81
N ILE A 19 11.25 0.87 11.34
CA ILE A 19 10.01 0.80 10.62
C ILE A 19 10.16 1.46 9.28
N GLY A 20 9.87 0.71 8.23
CA GLY A 20 9.90 1.23 6.87
C GLY A 20 8.52 1.74 6.54
N ILE A 21 8.46 2.92 5.96
CA ILE A 21 7.22 3.55 5.55
C ILE A 21 7.30 3.91 4.08
N LEU A 22 6.38 3.37 3.29
CA LEU A 22 6.43 3.50 1.86
C LEU A 22 5.20 4.15 1.29
N GLY A 23 5.44 5.00 0.31
CA GLY A 23 4.44 5.39 -0.68
C GLY A 23 4.94 5.03 -2.08
N ALA A 24 4.08 5.15 -3.08
CA ALA A 24 4.49 4.97 -4.48
C ALA A 24 4.98 6.28 -5.13
N MET A 25 4.20 7.34 -4.92
CA MET A 25 4.43 8.64 -5.52
C MET A 25 4.93 9.58 -4.46
N ARG A 26 5.69 10.59 -4.88
CA ARG A 26 6.16 11.62 -3.95
C ARG A 26 5.00 12.25 -3.17
N GLU A 27 3.87 12.46 -3.86
CA GLU A 27 2.67 13.00 -3.22
C GLU A 27 2.16 12.15 -2.09
N GLU A 28 2.42 10.84 -2.11
CA GLU A 28 1.98 9.96 -1.00
C GLU A 28 2.83 10.05 0.28
N ILE A 29 4.08 10.47 0.12
CA ILE A 29 4.96 10.61 1.28
C ILE A 29 5.16 12.03 1.76
N THR A 30 4.88 13.03 0.93
CA THR A 30 5.00 14.42 1.39
C THR A 30 4.25 14.67 2.72
N PRO A 31 2.98 14.23 2.82
CA PRO A 31 2.27 14.40 4.09
C PRO A 31 2.85 13.60 5.25
N ILE A 32 3.42 12.44 4.95
CA ILE A 32 4.03 11.58 5.97
C ILE A 32 5.22 12.30 6.61
N LEU A 33 6.12 12.87 5.80
CA LEU A 33 7.29 13.58 6.31
C LEU A 33 6.87 14.81 7.15
N GLU A 34 5.93 15.57 6.61
CA GLU A 34 5.32 16.71 7.32
C GLU A 34 4.70 16.31 8.63
N LEU A 35 3.85 15.29 8.61
CA LEU A 35 3.13 14.89 9.82
C LEU A 35 4.03 14.34 10.92
N PHE A 36 5.03 13.52 10.60
CA PHE A 36 5.96 13.09 11.64
C PHE A 36 6.72 14.30 12.24
N GLY A 37 7.12 15.23 11.38
CA GLY A 37 7.58 16.53 11.85
C GLY A 37 8.93 16.51 12.51
N VAL A 38 9.72 15.47 12.24
CA VAL A 38 11.08 15.38 12.73
C VAL A 38 12.09 15.65 11.58
N ASP A 39 13.36 15.78 11.92
CA ASP A 39 14.39 15.93 10.91
C ASP A 39 14.70 14.56 10.29
N PHE A 40 15.03 14.58 9.00
CA PHE A 40 15.39 13.36 8.29
C PHE A 40 16.75 13.55 7.64
N GLU A 41 17.51 12.48 7.58
CA GLU A 41 18.67 12.37 6.72
C GLU A 41 18.27 11.66 5.42
N GLU A 42 18.73 12.15 4.27
CA GLU A 42 18.44 11.53 2.96
CA GLU A 42 18.43 11.54 2.97
C GLU A 42 19.56 10.60 2.57
N ILE A 43 19.21 9.37 2.22
CA ILE A 43 20.18 8.36 1.82
C ILE A 43 19.72 7.76 0.49
N PRO A 44 20.46 8.04 -0.60
CA PRO A 44 20.10 7.50 -1.90
C PRO A 44 20.58 6.08 -2.05
N LEU A 45 19.74 5.20 -2.57
CA LEU A 45 20.16 3.84 -2.87
C LEU A 45 19.26 3.27 -3.95
N GLY A 46 19.87 2.64 -4.96
CA GLY A 46 19.08 2.04 -6.03
C GLY A 46 18.07 2.95 -6.74
N GLY A 47 18.36 4.24 -6.78
CA GLY A 47 17.53 5.18 -7.49
C GLY A 47 16.39 5.68 -6.65
N ASN A 48 16.32 5.25 -5.37
CA ASN A 48 15.37 5.82 -4.41
C ASN A 48 16.12 6.75 -3.42
N VAL A 49 15.37 7.66 -2.79
CA VAL A 49 15.88 8.46 -1.66
C VAL A 49 15.19 8.02 -0.38
N PHE A 50 15.95 7.50 0.57
CA PHE A 50 15.38 7.05 1.84
C PHE A 50 15.56 8.16 2.90
N HIS A 51 14.45 8.55 3.55
CA HIS A 51 14.49 9.57 4.59
C HIS A 51 14.52 8.87 5.94
N LYS A 52 15.64 8.98 6.64
CA LYS A 52 15.84 8.26 7.87
C LYS A 52 15.73 9.23 9.03
N GLY A 53 14.83 8.94 9.97
CA GLY A 53 14.60 9.82 11.10
C GLY A 53 14.30 9.01 12.34
N VAL A 54 14.26 9.70 13.48
CA VAL A 54 13.87 9.09 14.75
C VAL A 54 12.59 9.76 15.25
N TYR A 55 11.60 8.94 15.58
CA TYR A 55 10.30 9.41 16.03
C TYR A 55 9.83 8.48 17.13
N HIS A 56 9.61 9.03 18.32
CA HIS A 56 9.09 8.29 19.48
C HIS A 56 9.94 7.07 19.70
N ASN A 57 11.25 7.29 19.70
CA ASN A 57 12.21 6.24 20.02
C ASN A 57 12.20 5.08 19.00
N LYS A 58 11.72 5.33 17.79
CA LYS A 58 11.82 4.38 16.69
C LYS A 58 12.57 5.01 15.53
N GLU A 59 13.25 4.20 14.76
CA GLU A 59 13.87 4.68 13.55
C GLU A 59 12.86 4.47 12.43
N ILE A 60 12.48 5.56 11.75
CA ILE A 60 11.52 5.50 10.64
C ILE A 60 12.28 5.80 9.36
N ILE A 61 12.07 4.95 8.36
CA ILE A 61 12.75 5.08 7.09
C ILE A 61 11.63 5.28 6.06
N VAL A 62 11.54 6.47 5.50
CA VAL A 62 10.44 6.81 4.61
C VAL A 62 10.91 6.96 3.16
N ALA A 63 10.15 6.41 2.22
CA ALA A 63 10.49 6.58 0.80
C ALA A 63 9.29 6.41 -0.13
N TYR A 64 9.34 7.03 -1.30
CA TYR A 64 8.41 6.67 -2.35
C TYR A 64 9.16 5.80 -3.34
N SER A 65 8.52 4.73 -3.78
CA SER A 65 9.14 3.76 -4.67
C SER A 65 9.26 4.21 -6.12
N LYS A 66 8.30 5.06 -6.54
CA LYS A 66 7.93 5.26 -7.93
C LYS A 66 6.88 4.21 -8.30
N ILE A 67 6.16 4.50 -9.36
CA ILE A 67 4.97 3.76 -9.68
C ILE A 67 5.21 2.34 -10.20
N GLY A 68 4.35 1.43 -9.76
CA GLY A 68 4.31 0.11 -10.35
C GLY A 68 5.12 -0.96 -9.66
N LYS A 69 5.05 -2.15 -10.23
CA LYS A 69 5.43 -3.36 -9.48
C LYS A 69 6.92 -3.54 -9.40
N VAL A 70 7.65 -3.21 -10.47
CA VAL A 70 9.09 -3.32 -10.42
C VAL A 70 9.70 -2.30 -9.44
N HIS A 71 9.30 -1.05 -9.59
CA HIS A 71 9.72 0.01 -8.67
C HIS A 71 9.47 -0.38 -7.20
N SER A 72 8.25 -0.80 -6.86
CA SER A 72 7.90 -1.10 -5.46
C SER A 72 8.61 -2.37 -4.94
N THR A 73 8.79 -3.38 -5.80
CA THR A 73 9.59 -4.57 -5.41
C THR A 73 11.05 -4.19 -5.06
N LEU A 74 11.69 -3.39 -5.90
CA LEU A 74 13.05 -2.92 -5.67
C LEU A 74 13.13 -2.17 -4.34
N THR A 75 12.24 -1.21 -4.13
CA THR A 75 12.37 -0.35 -2.96
C THR A 75 12.13 -1.14 -1.68
N THR A 76 11.17 -2.06 -1.68
CA THR A 76 10.88 -2.86 -0.51
C THR A 76 12.06 -3.77 -0.17
N THR A 77 12.66 -4.36 -1.21
CA THR A 77 13.80 -5.21 -1.05
C THR A 77 14.99 -4.44 -0.46
N SER A 78 15.24 -3.24 -0.98
CA SER A 78 16.28 -2.38 -0.43
C SER A 78 16.02 -2.02 1.02
N MET A 79 14.77 -1.73 1.39
CA MET A 79 14.44 -1.41 2.77
C MET A 79 14.80 -2.52 3.72
N ILE A 80 14.48 -3.73 3.32
CA ILE A 80 14.76 -4.89 4.14
C ILE A 80 16.25 -5.25 4.15
N LEU A 81 16.84 -5.43 2.99
CA LEU A 81 18.21 -5.89 2.93
C LEU A 81 19.21 -4.82 3.32
N ALA A 82 18.99 -3.58 2.92
CA ALA A 82 19.99 -2.54 3.19
C ALA A 82 19.74 -1.80 4.48
N PHE A 83 18.50 -1.52 4.81
CA PHE A 83 18.18 -0.77 6.01
C PHE A 83 17.72 -1.63 7.18
N GLY A 84 17.51 -2.93 7.01
CA GLY A 84 17.11 -3.77 8.14
C GLY A 84 15.78 -3.47 8.79
N VAL A 85 14.81 -2.94 8.06
CA VAL A 85 13.54 -2.66 8.70
C VAL A 85 12.86 -3.96 9.17
N GLN A 86 12.11 -3.84 10.25
CA GLN A 86 11.42 -4.96 10.89
C GLN A 86 9.95 -5.03 10.59
N LYS A 87 9.39 -3.94 10.06
CA LYS A 87 8.01 -3.91 9.62
C LYS A 87 7.92 -2.94 8.48
N VAL A 88 6.97 -3.15 7.58
CA VAL A 88 6.76 -2.20 6.50
C VAL A 88 5.31 -1.78 6.51
N LEU A 89 5.09 -0.48 6.48
CA LEU A 89 3.75 0.08 6.39
C LEU A 89 3.71 0.88 5.12
N PHE A 90 2.75 0.54 4.25
CA PHE A 90 2.56 1.24 3.01
C PHE A 90 1.36 2.16 3.15
N SER A 91 1.47 3.36 2.62
CA SER A 91 0.38 4.34 2.64
C SER A 91 0.24 5.03 1.30
N GLY A 92 -0.99 5.16 0.82
CA GLY A 92 -1.23 5.93 -0.40
C GLY A 92 -2.69 5.84 -0.79
N VAL A 93 -2.94 6.00 -2.09
CA VAL A 93 -4.29 6.07 -2.61
C VAL A 93 -4.61 4.87 -3.50
N ALA A 94 -5.90 4.66 -3.75
CA ALA A 94 -6.35 3.50 -4.54
C ALA A 94 -7.68 3.79 -5.23
N GLY A 95 -8.00 3.00 -6.25
CA GLY A 95 -9.31 3.02 -6.88
C GLY A 95 -10.27 2.08 -6.20
N SER A 96 -11.51 2.52 -5.99
CA SER A 96 -12.53 1.69 -5.35
C SER A 96 -13.23 0.82 -6.39
N LEU A 97 -13.48 -0.42 -6.01
CA LEU A 97 -14.20 -1.39 -6.82
C LEU A 97 -15.55 -1.76 -6.21
N VAL A 98 -15.90 -1.20 -5.06
CA VAL A 98 -17.15 -1.54 -4.35
C VAL A 98 -17.85 -0.26 -3.94
N LYS A 99 -19.17 -0.32 -3.89
CA LYS A 99 -20.01 0.86 -3.69
C LYS A 99 -19.80 1.48 -2.32
N ASP A 100 -19.55 0.65 -1.31
CA ASP A 100 -19.37 1.14 0.06
C ASP A 100 -18.00 1.76 0.33
N LEU A 101 -17.07 1.71 -0.61
CA LEU A 101 -15.79 2.40 -0.44
C LEU A 101 -15.81 3.63 -1.30
N LYS A 102 -15.95 4.78 -0.66
CA LYS A 102 -16.11 6.05 -1.37
C LYS A 102 -14.88 6.91 -1.25
N ILE A 103 -14.84 8.00 -2.01
CA ILE A 103 -13.70 8.91 -1.97
C ILE A 103 -13.34 9.22 -0.53
N ASN A 104 -12.03 9.19 -0.25
CA ASN A 104 -11.45 9.40 1.06
C ASN A 104 -11.54 8.22 2.04
N ASP A 105 -12.40 7.23 1.78
CA ASP A 105 -12.53 6.11 2.74
C ASP A 105 -11.24 5.31 2.81
N LEU A 106 -10.97 4.75 3.98
CA LEU A 106 -9.79 3.96 4.20
C LEU A 106 -10.07 2.46 4.15
N LEU A 107 -9.09 1.72 3.63
CA LEU A 107 -9.07 0.27 3.83
C LEU A 107 -7.66 -0.24 4.05
N VAL A 108 -7.58 -1.36 4.74
CA VAL A 108 -6.36 -2.16 4.83
C VAL A 108 -6.58 -3.44 4.02
N ALA A 109 -5.53 -3.91 3.33
CA ALA A 109 -5.60 -5.11 2.57
C ALA A 109 -5.44 -6.32 3.46
N THR A 110 -6.44 -7.18 3.48
CA THR A 110 -6.30 -8.49 4.12
C THR A 110 -5.43 -9.40 3.23
N GLN A 111 -5.64 -9.33 1.93
CA GLN A 111 -4.81 -10.07 0.99
C GLN A 111 -4.61 -9.24 -0.24
N LEU A 112 -3.53 -9.53 -0.98
CA LEU A 112 -3.31 -8.88 -2.25
C LEU A 112 -3.05 -9.86 -3.38
N VAL A 113 -3.32 -9.42 -4.60
CA VAL A 113 -3.18 -10.24 -5.78
C VAL A 113 -2.56 -9.42 -6.89
N GLN A 114 -1.74 -10.04 -7.73
CA GLN A 114 -1.26 -9.37 -8.93
C GLN A 114 -2.25 -9.67 -10.06
N HIS A 115 -3.11 -8.71 -10.34
CA HIS A 115 -4.28 -8.96 -11.15
C HIS A 115 -3.99 -9.10 -12.63
N ASP A 116 -2.81 -8.67 -13.07
CA ASP A 116 -2.45 -8.70 -14.46
C ASP A 116 -1.57 -9.90 -14.87
N VAL A 117 -1.27 -10.78 -13.92
CA VAL A 117 -0.52 -11.98 -14.19
C VAL A 117 -1.43 -12.98 -14.92
N ASP A 118 -0.97 -13.44 -16.09
CA ASP A 118 -1.75 -14.37 -16.93
C ASP A 118 -0.88 -15.46 -17.53
N LEU A 119 -0.89 -16.63 -16.90
CA LEU A 119 -0.23 -17.82 -17.43
C LEU A 119 -1.29 -18.87 -17.78
N SER A 120 -2.46 -18.38 -18.18
CA SER A 120 -3.59 -19.27 -18.53
C SER A 120 -3.31 -20.17 -19.72
N ALA A 121 -2.34 -19.77 -20.55
CA ALA A 121 -1.88 -20.60 -21.65
C ALA A 121 -1.39 -21.97 -21.19
N PHE A 122 -1.00 -22.07 -19.92
CA PHE A 122 -0.61 -23.36 -19.33
C PHE A 122 -1.64 -23.82 -18.31
N ASP A 123 -2.88 -23.38 -18.47
CA ASP A 123 -3.99 -23.77 -17.60
C ASP A 123 -3.79 -23.40 -16.11
N HIS A 124 -2.99 -22.37 -15.86
CA HIS A 124 -2.95 -21.79 -14.53
C HIS A 124 -4.07 -20.79 -14.36
N PRO A 125 -4.66 -20.77 -13.18
CA PRO A 125 -5.63 -19.71 -12.87
C PRO A 125 -5.00 -18.32 -13.02
N LEU A 126 -5.81 -17.35 -13.44
CA LEU A 126 -5.33 -15.99 -13.51
C LEU A 126 -4.81 -15.54 -12.13
N GLY A 127 -3.69 -14.80 -12.14
CA GLY A 127 -3.05 -14.32 -10.92
C GLY A 127 -1.99 -15.26 -10.32
N PHE A 128 -1.92 -16.49 -10.83
CA PHE A 128 -1.08 -17.55 -10.27
C PHE A 128 0.20 -17.71 -11.07
N ILE A 129 1.29 -17.83 -10.33
CA ILE A 129 2.59 -18.15 -10.85
C ILE A 129 3.10 -19.40 -10.12
N PRO A 130 3.64 -20.38 -10.87
CA PRO A 130 4.23 -21.56 -10.28
C PRO A 130 5.21 -21.19 -9.19
N GLU A 131 5.19 -21.98 -8.14
CA GLU A 131 6.05 -21.83 -6.98
C GLU A 131 5.64 -20.59 -6.22
N SER A 132 4.42 -20.10 -6.45
CA SER A 132 3.89 -18.97 -5.69
C SER A 132 2.41 -19.22 -5.38
N ALA A 133 1.60 -18.17 -5.24
CA ALA A 133 0.19 -18.31 -4.88
C ALA A 133 -0.51 -17.11 -5.45
N ILE A 134 -1.81 -17.22 -5.69
CA ILE A 134 -2.57 -16.06 -6.14
C ILE A 134 -2.65 -14.94 -5.10
N PHE A 135 -2.92 -15.30 -3.84
CA PHE A 135 -3.14 -14.31 -2.79
C PHE A 135 -1.96 -14.21 -1.81
N ILE A 136 -1.56 -13.00 -1.49
CA ILE A 136 -0.51 -12.76 -0.52
C ILE A 136 -1.14 -12.16 0.74
N GLU A 137 -0.79 -12.73 1.90
CA GLU A 137 -1.27 -12.26 3.21
C GLU A 137 -0.44 -11.10 3.71
N THR A 138 -1.09 -10.24 4.50
CA THR A 138 -0.45 -9.20 5.27
C THR A 138 -0.53 -9.54 6.76
N SER A 139 0.03 -8.69 7.61
CA SER A 139 0.09 -8.90 9.04
C SER A 139 -1.28 -8.75 9.70
N GLY A 140 -1.81 -9.84 10.25
CA GLY A 140 -3.08 -9.79 10.97
C GLY A 140 -3.01 -8.86 12.17
N SER A 141 -1.88 -8.87 12.82
CA SER A 141 -1.62 -8.03 13.97
C SER A 141 -1.67 -6.52 13.65
N LEU A 142 -1.02 -6.13 12.56
CA LEU A 142 -1.08 -4.74 12.15
C LEU A 142 -2.46 -4.35 11.68
N ASN A 143 -3.10 -5.23 10.93
CA ASN A 143 -4.49 -4.98 10.51
C ASN A 143 -5.41 -4.82 11.70
N ALA A 144 -5.24 -5.66 12.72
CA ALA A 144 -6.07 -5.57 13.94
C ALA A 144 -5.78 -4.28 14.69
N LEU A 145 -4.52 -3.85 14.72
CA LEU A 145 -4.18 -2.53 15.29
C LEU A 145 -4.91 -1.43 14.53
N ALA A 146 -4.90 -1.51 13.21
CA ALA A 146 -5.55 -0.50 12.42
C ALA A 146 -7.02 -0.44 12.79
N LYS A 147 -7.66 -1.61 12.85
CA LYS A 147 -9.06 -1.67 13.21
C LYS A 147 -9.35 -1.08 14.61
N LYS A 148 -8.53 -1.44 15.58
CA LYS A 148 -8.63 -0.86 16.92
C LYS A 148 -8.60 0.67 16.88
N ILE A 149 -7.59 1.21 16.22
CA ILE A 149 -7.44 2.65 16.13
C ILE A 149 -8.61 3.33 15.43
N ALA A 150 -9.05 2.78 14.31
CA ALA A 150 -10.15 3.39 13.58
C ALA A 150 -11.44 3.43 14.44
N ASN A 151 -11.68 2.40 15.23
CA ASN A 151 -12.84 2.40 16.14
CA ASN A 151 -12.81 2.36 16.17
C ASN A 151 -12.66 3.45 17.24
N GLU A 152 -11.49 3.50 17.86
CA GLU A 152 -11.20 4.54 18.85
C GLU A 152 -11.38 5.96 18.28
N GLN A 153 -10.97 6.20 17.04
CA GLN A 153 -11.15 7.51 16.37
C GLN A 153 -12.53 7.72 15.75
N HIS A 154 -13.39 6.72 15.81
CA HIS A 154 -14.70 6.80 15.19
C HIS A 154 -14.64 7.05 13.70
N ILE A 155 -13.71 6.37 13.01
CA ILE A 155 -13.67 6.47 11.56
C ILE A 155 -13.84 5.08 10.96
N ALA A 156 -14.40 5.03 9.76
CA ALA A 156 -14.66 3.76 9.12
C ALA A 156 -13.33 3.23 8.57
N LEU A 157 -13.19 1.92 8.57
CA LEU A 157 -12.04 1.24 7.99
C LEU A 157 -12.50 -0.08 7.45
N LYS A 158 -12.40 -0.29 6.14
CA LYS A 158 -12.69 -1.60 5.54
C LYS A 158 -11.46 -2.49 5.52
N GLU A 159 -11.71 -3.78 5.47
CA GLU A 159 -10.65 -4.76 5.32
C GLU A 159 -11.04 -5.58 4.11
N GLY A 160 -10.14 -5.73 3.13
CA GLY A 160 -10.46 -6.58 2.00
C GLY A 160 -9.30 -6.79 1.07
N VAL A 161 -9.60 -7.35 -0.09
CA VAL A 161 -8.59 -7.76 -1.04
C VAL A 161 -8.23 -6.54 -1.87
N ILE A 162 -6.94 -6.29 -2.05
CA ILE A 162 -6.51 -5.25 -2.98
C ILE A 162 -5.83 -5.92 -4.17
N ALA A 163 -6.21 -5.48 -5.37
CA ALA A 163 -5.63 -5.96 -6.60
C ALA A 163 -4.60 -4.96 -7.08
N SER A 164 -3.44 -5.45 -7.48
CA SER A 164 -2.36 -4.61 -7.95
C SER A 164 -1.90 -5.07 -9.34
N GLY A 165 -1.62 -4.12 -10.22
CA GLY A 165 -1.07 -4.39 -11.51
C GLY A 165 -0.43 -3.16 -12.10
N ASP A 166 0.19 -3.31 -13.25
CA ASP A 166 0.94 -2.25 -13.89
C ASP A 166 0.13 -1.43 -14.93
N GLN A 167 -1.18 -1.32 -14.71
CA GLN A 167 -2.05 -0.48 -15.51
C GLN A 167 -2.90 0.39 -14.57
N PHE A 168 -3.13 1.64 -14.93
CA PHE A 168 -4.11 2.42 -14.22
C PHE A 168 -5.47 1.98 -14.71
N VAL A 169 -6.35 1.57 -13.79
CA VAL A 169 -7.61 0.98 -14.18
C VAL A 169 -8.67 2.09 -14.27
N HIS A 170 -9.32 2.17 -15.43
CA HIS A 170 -10.30 3.24 -15.69
C HIS A 170 -11.36 2.78 -16.70
N SER A 171 -11.98 1.65 -16.41
CA SER A 171 -12.94 1.07 -17.33
C SER A 171 -13.79 0.13 -16.56
N LYS A 172 -15.06 0.09 -16.95
CA LYS A 172 -16.01 -0.71 -16.21
C LYS A 172 -15.68 -2.18 -16.45
N GLU A 173 -15.23 -2.50 -17.66
CA GLU A 173 -14.90 -3.87 -18.00
C GLU A 173 -13.80 -4.42 -17.08
N ARG A 174 -12.77 -3.63 -16.83
CA ARG A 174 -11.67 -4.11 -15.99
C ARG A 174 -12.10 -4.20 -14.52
N LYS A 175 -12.89 -3.23 -14.02
CA LYS A 175 -13.47 -3.36 -12.67
C LYS A 175 -14.26 -4.64 -12.50
N GLU A 176 -15.12 -4.94 -13.47
CA GLU A 176 -15.97 -6.12 -13.33
C GLU A 176 -15.11 -7.37 -13.28
N PHE A 177 -14.06 -7.39 -14.08
CA PHE A 177 -13.12 -8.49 -14.03
C PHE A 177 -12.45 -8.65 -12.64
N LEU A 178 -12.00 -7.55 -12.04
CA LEU A 178 -11.31 -7.63 -10.75
C LEU A 178 -12.25 -8.12 -9.64
N VAL A 179 -13.50 -7.66 -9.72
CA VAL A 179 -14.51 -8.10 -8.77
C VAL A 179 -14.85 -9.60 -8.97
N SER A 180 -15.08 -10.03 -10.19
CA SER A 180 -15.50 -11.40 -10.42
C SER A 180 -14.36 -12.39 -10.22
N GLU A 181 -13.17 -12.04 -10.70
CA GLU A 181 -12.05 -12.96 -10.66
C GLU A 181 -11.43 -13.09 -9.28
N PHE A 182 -11.28 -11.97 -8.56
CA PHE A 182 -10.53 -11.95 -7.31
C PHE A 182 -11.30 -11.46 -6.08
N LYS A 183 -12.52 -10.98 -6.27
CA LYS A 183 -13.31 -10.33 -5.21
C LYS A 183 -12.58 -9.16 -4.56
N ALA A 184 -11.85 -8.38 -5.36
CA ALA A 184 -11.07 -7.25 -4.85
C ALA A 184 -12.01 -6.12 -4.47
N SER A 185 -11.62 -5.36 -3.45
CA SER A 185 -12.34 -4.17 -3.02
C SER A 185 -11.73 -2.87 -3.56
N ALA A 186 -10.42 -2.91 -3.87
CA ALA A 186 -9.72 -1.74 -4.38
C ALA A 186 -8.61 -2.16 -5.31
N VAL A 187 -8.15 -1.22 -6.12
CA VAL A 187 -7.10 -1.45 -7.11
C VAL A 187 -6.01 -0.38 -7.01
N GLU A 188 -4.76 -0.81 -7.17
CA GLU A 188 -3.64 0.11 -7.19
C GLU A 188 -2.49 -0.61 -7.91
N MET A 189 -1.26 -0.15 -7.77
CA MET A 189 -0.18 -0.65 -8.63
C MET A 189 1.07 -1.14 -7.89
N GLU A 190 1.02 -1.18 -6.56
CA GLU A 190 2.21 -1.49 -5.76
C GLU A 190 2.00 -2.44 -4.59
N GLY A 191 0.79 -2.54 -4.08
CA GLY A 191 0.61 -3.20 -2.80
C GLY A 191 1.03 -4.68 -2.81
N ALA A 192 0.63 -5.39 -3.85
CA ALA A 192 0.96 -6.81 -3.92
C ALA A 192 2.47 -7.03 -3.93
N SER A 193 3.20 -6.19 -4.65
CA SER A 193 4.63 -6.37 -4.71
C SER A 193 5.33 -6.12 -3.36
N VAL A 194 4.87 -5.10 -2.63
CA VAL A 194 5.40 -4.79 -1.32
C VAL A 194 5.10 -5.96 -0.36
N ALA A 195 3.86 -6.41 -0.34
CA ALA A 195 3.47 -7.53 0.56
C ALA A 195 4.19 -8.81 0.23
N PHE A 196 4.41 -9.02 -1.07
CA PHE A 196 5.11 -10.21 -1.54
C PHE A 196 6.54 -10.28 -1.04
N VAL A 197 7.30 -9.21 -1.26
CA VAL A 197 8.66 -9.12 -0.74
C VAL A 197 8.69 -9.29 0.77
N CYS A 198 7.82 -8.59 1.48
CA CYS A 198 7.80 -8.70 2.93
C CYS A 198 7.58 -10.14 3.39
N GLN A 199 6.67 -10.85 2.77
CA GLN A 199 6.41 -12.20 3.23
CA GLN A 199 6.38 -12.26 3.07
C GLN A 199 7.62 -13.10 2.95
N LYS A 200 8.31 -12.90 1.83
CA LYS A 200 9.49 -13.70 1.52
C LYS A 200 10.57 -13.60 2.60
N PHE A 201 10.64 -12.44 3.24
CA PHE A 201 11.66 -12.15 4.25
C PHE A 201 11.11 -12.21 5.67
N GLY A 202 9.90 -12.71 5.85
CA GLY A 202 9.29 -12.80 7.18
C GLY A 202 9.13 -11.46 7.90
N VAL A 203 8.82 -10.40 7.15
CA VAL A 203 8.67 -9.05 7.68
C VAL A 203 7.20 -8.67 7.70
N PRO A 204 6.68 -8.29 8.87
CA PRO A 204 5.26 -7.90 8.90
C PRO A 204 4.99 -6.69 8.03
N CYS A 205 3.85 -6.71 7.34
CA CYS A 205 3.50 -5.72 6.35
C CYS A 205 2.04 -5.30 6.53
N CYS A 206 1.79 -4.01 6.38
CA CYS A 206 0.40 -3.50 6.36
C CYS A 206 0.28 -2.57 5.17
N VAL A 207 -0.75 -2.77 4.37
CA VAL A 207 -0.97 -1.95 3.20
C VAL A 207 -2.26 -1.18 3.42
N LEU A 208 -2.13 0.13 3.51
CA LEU A 208 -3.20 1.05 3.84
C LEU A 208 -3.43 1.96 2.65
N ARG A 209 -4.70 2.11 2.23
CA ARG A 209 -5.03 3.00 1.14
C ARG A 209 -6.25 3.87 1.46
N SER A 210 -6.31 5.05 0.84
CA SER A 210 -7.49 5.92 0.86
C SER A 210 -7.98 6.09 -0.56
N ILE A 211 -9.28 5.96 -0.75
CA ILE A 211 -9.86 5.97 -2.06
C ILE A 211 -9.70 7.35 -2.75
N SER A 212 -9.18 7.35 -3.98
CA SER A 212 -9.03 8.56 -4.79
C SER A 212 -9.99 8.66 -5.97
N ASP A 213 -10.56 7.52 -6.37
CA ASP A 213 -11.37 7.45 -7.60
C ASP A 213 -12.12 6.13 -7.60
N ASN A 214 -12.96 5.90 -8.61
CA ASN A 214 -13.78 4.68 -8.69
C ASN A 214 -13.33 3.74 -9.81
N ALA A 215 -12.11 3.94 -10.33
CA ALA A 215 -11.46 3.01 -11.25
C ALA A 215 -12.26 2.82 -12.55
N ASP A 216 -12.96 3.86 -12.95
CA ASP A 216 -13.82 3.83 -14.10
C ASP A 216 -13.35 4.88 -15.09
N GLU A 217 -14.17 5.16 -16.09
CA GLU A 217 -13.82 6.06 -17.16
C GLU A 217 -13.52 7.47 -16.63
N LYS A 218 -14.06 7.81 -15.46
CA LYS A 218 -13.77 9.10 -14.82
C LYS A 218 -12.57 9.09 -13.84
N ALA A 219 -11.85 7.98 -13.76
CA ALA A 219 -10.84 7.81 -12.72
C ALA A 219 -9.70 8.83 -12.78
N GLY A 220 -9.25 9.18 -13.99
CA GLY A 220 -8.17 10.17 -14.17
C GLY A 220 -8.51 11.50 -13.55
N MET A 221 -9.70 12.00 -13.88
CA MET A 221 -10.28 13.20 -13.27
C MET A 221 -10.33 13.16 -11.76
N SER A 222 -10.92 12.09 -11.25
CA SER A 222 -11.14 11.96 -9.82
C SER A 222 -9.78 11.92 -9.12
N PHE A 223 -8.89 11.13 -9.68
CA PHE A 223 -7.54 10.96 -9.09
C PHE A 223 -6.83 12.29 -8.97
N ASP A 224 -6.84 13.08 -10.05
CA ASP A 224 -6.23 14.42 -10.04
C ASP A 224 -6.87 15.33 -8.99
N GLU A 225 -8.18 15.25 -8.84
CA GLU A 225 -8.88 16.04 -7.83
C GLU A 225 -8.55 15.64 -6.39
N PHE A 226 -8.49 14.33 -6.13
CA PHE A 226 -8.46 13.86 -4.78
C PHE A 226 -7.14 13.29 -4.28
N LEU A 227 -6.11 13.23 -5.12
CA LEU A 227 -4.83 12.64 -4.74
C LEU A 227 -4.32 13.27 -3.42
N GLU A 228 -4.32 14.58 -3.36
CA GLU A 228 -3.71 15.27 -2.23
C GLU A 228 -4.43 14.94 -0.93
N LYS A 229 -5.75 15.08 -0.95
CA LYS A 229 -6.56 14.87 0.24
C LYS A 229 -6.54 13.41 0.68
N SER A 230 -6.74 12.51 -0.27
CA SER A 230 -6.69 11.08 0.02
C SER A 230 -5.32 10.64 0.54
N ALA A 231 -4.25 11.17 -0.04
CA ALA A 231 -2.90 10.81 0.45
C ALA A 231 -2.68 11.28 1.88
N HIS A 232 -3.19 12.47 2.18
CA HIS A 232 -3.08 13.02 3.49
C HIS A 232 -3.90 12.19 4.48
N THR A 233 -5.10 11.78 4.07
CA THR A 233 -5.92 10.93 4.93
C THR A 233 -5.20 9.60 5.31
N SER A 234 -4.62 8.95 4.31
CA SER A 234 -3.84 7.76 4.54
C SER A 234 -2.62 8.02 5.45
N ALA A 235 -1.87 9.07 5.14
CA ALA A 235 -0.69 9.44 5.91
C ALA A 235 -1.02 9.66 7.37
N LYS A 236 -2.07 10.43 7.62
CA LYS A 236 -2.49 10.71 9.00
C LYS A 236 -2.82 9.41 9.76
N PHE A 237 -3.51 8.50 9.09
CA PHE A 237 -3.86 7.23 9.71
C PHE A 237 -2.59 6.41 9.99
N LEU A 238 -1.70 6.35 9.01
CA LEU A 238 -0.45 5.62 9.20
C LEU A 238 0.29 6.15 10.43
N LYS A 239 0.35 7.46 10.58
CA LYS A 239 1.05 8.05 11.72
C LYS A 239 0.37 7.62 13.03
N SER A 240 -0.96 7.57 13.05
CA SER A 240 -1.68 7.15 14.25
C SER A 240 -1.36 5.69 14.61
N MET A 241 -1.06 4.87 13.59
CA MET A 241 -0.58 3.51 13.80
C MET A 241 0.82 3.48 14.41
N VAL A 242 1.73 4.24 13.81
CA VAL A 242 3.09 4.31 14.32
C VAL A 242 3.10 4.80 15.77
N ASP A 243 2.20 5.74 16.09
CA ASP A 243 2.09 6.25 17.45
C ASP A 243 1.73 5.18 18.49
N GLU A 244 1.12 4.07 18.05
CA GLU A 244 0.81 2.96 18.95
C GLU A 244 1.71 1.74 18.80
N LEU A 245 2.74 1.79 17.95
CA LEU A 245 3.71 0.71 17.85
C LEU A 245 4.85 0.91 18.85
O3' 4EH B . 0.99 4.72 -8.11
C3' 4EH B . -0.11 4.53 -9.00
C4' 4EH B . -0.80 5.87 -9.23
C5' 4EH B . -1.63 6.00 -10.50
S 4EH B . -0.66 6.15 -11.98
C2' 4EH B . -1.14 3.67 -8.29
N1' 4EH B . -1.75 4.64 -7.38
C1' 4EH B . -1.78 5.96 -8.05
C10 4EH B . -3.05 4.25 -6.88
C9 4EH B . -4.31 4.25 -7.76
C4 4EH B . -4.72 3.37 -8.87
N3 4EH B . -4.06 2.38 -9.51
C2 4EH B . -4.69 1.76 -10.54
C8 4EH B . -5.41 5.07 -7.55
N7 4EH B . -6.41 4.80 -8.44
C5 4EH B . -6.06 3.81 -9.25
C6 4EH B . -6.66 3.09 -10.38
N1 4EH B . -5.93 2.10 -10.97
N6 4EH B . -7.90 3.44 -10.78
C6' 4EH B . -0.19 7.76 -12.34
C9' 4EH B . -0.59 8.84 -11.57
N3' 4EH B . -0.18 10.08 -11.93
C8' 4EH B . 0.60 10.29 -13.02
C7' 4EH B . 0.98 9.22 -13.78
N2' 4EH B . 0.57 7.98 -13.44
C1 GOL C . -5.62 -19.53 -3.22
O1 GOL C . -6.77 -19.01 -3.93
C2 GOL C . -4.31 -18.98 -3.80
O2 GOL C . -3.69 -18.03 -2.94
C3 GOL C . -3.30 -20.08 -4.09
O3 GOL C . -2.79 -19.92 -5.41
C1 GOL D . 5.85 3.84 22.64
O1 GOL D . 6.84 3.20 23.45
C2 GOL D . 6.33 5.18 22.07
O2 GOL D . 7.45 5.74 22.78
C3 GOL D . 5.15 6.18 21.99
O3 GOL D . 4.81 6.80 23.23
C1 PEG E . -4.25 -5.81 -18.13
O1 PEG E . -5.44 -5.56 -18.88
C2 PEG E . -3.49 -6.97 -18.74
O2 PEG E . -2.18 -6.55 -19.12
C3 PEG E . -2.09 -6.19 -20.50
C4 PEG E . -1.53 -7.36 -21.30
O4 PEG E . -2.45 -7.72 -22.33
#